data_9FIY
#
_entry.id   9FIY
#
_cell.length_a   128.431
_cell.length_b   128.431
_cell.length_c   74.615
_cell.angle_alpha   90.00
_cell.angle_beta   90.00
_cell.angle_gamma   120.00
#
_symmetry.space_group_name_H-M   'P 64'
#
loop_
_entity.id
_entity.type
_entity.pdbx_description
1 polymer 'Low-density lipoprotein receptor-related protein 6'
2 polymer 'AP-2 complex subunit mu'
#
loop_
_entity_poly.entity_id
_entity_poly.type
_entity_poly.pdbx_seq_one_letter_code
_entity_poly.pdbx_strand_id
1 'polypeptide(L)' SYRHFA A
2 'polypeptide(L)'
;MHHHHHHMQIGWRREGIKYRRNELFLDVLESVNLLMSPQGQVLSAHVSGRVVMKSYLSGMPECKFGMNDKIVIEKQGKGT
ADETSKSGKQSIAIDDCTFHQCVRLSKFDSERSISFIPPDGEFELMRYRTTKDIILPFRVIPLVREVGRTKLEVKVVIKS
NFKPSLLAQKIEVRIPTPLNTSGVQVICMKGKAKYKASENAIVWKIKRMAGMKESQISAEIELLPTNDKKKWARPPISMN
FEVPFAPSGLKVRYLKVFEPKLNYSDHDVIKWVRYIGRSGIYETRC
;
M
#
# COMPACT_ATOMS: atom_id res chain seq x y z
N SER A 1 -12.18 -4.56 3.40
CA SER A 1 -12.46 -5.70 4.31
C SER A 1 -13.55 -6.61 3.73
N TYR A 2 -13.92 -6.37 2.48
CA TYR A 2 -15.07 -6.98 1.82
C TYR A 2 -16.29 -6.26 2.36
N ARG A 3 -16.67 -5.22 1.60
CA ARG A 3 -17.85 -4.40 1.79
C ARG A 3 -18.61 -4.41 0.47
N HIS A 4 -19.92 -4.14 0.51
CA HIS A 4 -20.69 -3.94 -0.71
C HIS A 4 -20.27 -2.61 -1.36
N PHE A 5 -20.61 -2.41 -2.64
CA PHE A 5 -20.04 -1.31 -3.42
C PHE A 5 -20.56 0.05 -2.95
N ALA A 6 -21.87 0.18 -2.71
CA ALA A 6 -22.44 1.43 -2.25
C ALA A 6 -23.67 1.16 -1.37
N ILE B 10 -13.83 -18.73 -26.91
CA ILE B 10 -13.71 -18.70 -25.43
C ILE B 10 -13.12 -20.02 -24.96
N GLY B 11 -11.80 -20.03 -24.74
CA GLY B 11 -11.08 -21.20 -24.26
C GLY B 11 -10.52 -20.96 -22.86
N TRP B 12 -11.04 -19.94 -22.17
CA TRP B 12 -10.72 -19.66 -20.78
C TRP B 12 -11.89 -20.06 -19.86
N ARG B 13 -13.05 -20.42 -20.43
CA ARG B 13 -14.24 -20.77 -19.66
C ARG B 13 -15.08 -21.82 -20.38
N ARG B 14 -15.39 -22.94 -19.70
CA ARG B 14 -16.33 -23.94 -20.22
C ARG B 14 -17.76 -23.41 -20.13
N GLU B 15 -18.77 -24.23 -20.47
CA GLU B 15 -20.02 -23.68 -20.97
C GLU B 15 -21.23 -23.87 -20.03
N GLY B 16 -21.25 -24.97 -19.24
CA GLY B 16 -22.46 -25.31 -18.50
C GLY B 16 -22.29 -25.20 -16.98
N ILE B 17 -22.03 -23.99 -16.50
CA ILE B 17 -21.64 -23.76 -15.11
C ILE B 17 -22.87 -23.25 -14.37
N LYS B 18 -23.11 -23.79 -13.15
CA LYS B 18 -24.22 -23.32 -12.33
C LYS B 18 -23.82 -23.13 -10.87
N TYR B 19 -24.50 -22.18 -10.22
CA TYR B 19 -24.34 -21.88 -8.81
C TYR B 19 -25.68 -21.36 -8.27
N ARG B 20 -26.11 -21.86 -7.10
CA ARG B 20 -27.31 -21.37 -6.41
C ARG B 20 -27.03 -19.93 -5.97
N ARG B 21 -25.81 -19.73 -5.46
CA ARG B 21 -25.40 -18.48 -4.86
C ARG B 21 -24.43 -17.81 -5.83
N ASN B 22 -24.91 -16.72 -6.47
CA ASN B 22 -24.16 -16.06 -7.54
C ASN B 22 -23.44 -14.84 -6.97
N GLU B 23 -22.11 -14.94 -6.88
CA GLU B 23 -21.34 -14.00 -6.06
C GLU B 23 -19.96 -13.75 -6.66
N LEU B 24 -19.52 -12.47 -6.61
CA LEU B 24 -18.18 -12.08 -7.03
C LEU B 24 -17.48 -11.26 -5.95
N PHE B 25 -16.15 -11.28 -6.01
CA PHE B 25 -15.28 -10.53 -5.11
C PHE B 25 -14.15 -9.86 -5.89
N LEU B 26 -13.93 -8.56 -5.64
CA LEU B 26 -12.82 -7.82 -6.22
C LEU B 26 -11.82 -7.39 -5.15
N ASP B 27 -10.54 -7.58 -5.47
CA ASP B 27 -9.43 -7.18 -4.63
C ASP B 27 -8.57 -6.15 -5.37
N VAL B 28 -8.54 -4.91 -4.86
CA VAL B 28 -7.68 -3.86 -5.39
C VAL B 28 -6.40 -3.84 -4.57
N LEU B 29 -5.27 -4.17 -5.22
CA LEU B 29 -4.00 -4.40 -4.56
C LEU B 29 -2.96 -3.43 -5.10
N GLU B 30 -2.39 -2.59 -4.24
CA GLU B 30 -1.52 -1.51 -4.67
C GLU B 30 -0.24 -1.43 -3.83
N SER B 31 0.88 -1.21 -4.53
CA SER B 31 2.14 -0.84 -3.91
C SER B 31 2.34 0.66 -4.02
N VAL B 32 2.69 1.35 -2.91
CA VAL B 32 2.92 2.79 -2.98
C VAL B 32 4.38 3.13 -2.64
N ASN B 33 5.06 3.79 -3.59
CA ASN B 33 6.49 4.02 -3.58
C ASN B 33 6.80 5.52 -3.43
N LEU B 34 7.72 5.88 -2.51
CA LEU B 34 8.05 7.26 -2.17
C LEU B 34 9.53 7.45 -1.88
N LEU B 35 10.11 8.52 -2.44
CA LEU B 35 11.37 9.07 -1.97
C LEU B 35 11.22 10.55 -1.64
N MET B 36 11.47 10.91 -0.37
CA MET B 36 11.26 12.26 0.13
C MET B 36 12.58 12.86 0.60
N SER B 37 12.81 14.15 0.28
CA SER B 37 13.94 14.94 0.78
C SER B 37 13.81 15.21 2.27
N PRO B 38 14.89 15.70 2.94
CA PRO B 38 14.86 15.91 4.40
C PRO B 38 13.95 17.06 4.81
N GLN B 39 13.82 18.04 3.90
CA GLN B 39 12.94 19.20 4.03
C GLN B 39 11.46 18.81 3.96
N GLY B 40 11.08 17.98 2.98
CA GLY B 40 9.69 17.60 2.77
C GLY B 40 9.29 17.69 1.29
N GLN B 41 10.27 17.79 0.38
CA GLN B 41 10.02 17.66 -1.04
C GLN B 41 9.76 16.19 -1.38
N VAL B 42 8.80 15.97 -2.27
CA VAL B 42 8.62 14.67 -2.90
C VAL B 42 9.52 14.63 -4.13
N LEU B 43 10.66 13.93 -4.04
CA LEU B 43 11.57 13.76 -5.16
C LEU B 43 10.98 12.80 -6.20
N SER B 44 10.25 11.78 -5.74
CA SER B 44 9.71 10.75 -6.61
C SER B 44 8.62 9.98 -5.89
N ALA B 45 7.54 9.65 -6.61
CA ALA B 45 6.49 8.82 -6.07
C ALA B 45 5.67 8.18 -7.19
N HIS B 46 5.17 6.97 -6.95
CA HIS B 46 4.33 6.28 -7.91
C HIS B 46 3.63 5.10 -7.24
N VAL B 47 2.57 4.61 -7.89
CA VAL B 47 1.80 3.47 -7.42
C VAL B 47 1.66 2.42 -8.53
N SER B 48 1.83 1.15 -8.16
CA SER B 48 1.57 0.02 -9.05
C SER B 48 0.40 -0.73 -8.44
N GLY B 49 -0.56 -1.12 -9.29
CA GLY B 49 -1.77 -1.79 -8.83
C GLY B 49 -2.24 -2.92 -9.75
N ARG B 50 -3.05 -3.82 -9.18
CA ARG B 50 -3.73 -4.84 -9.93
C ARG B 50 -5.11 -5.02 -9.30
N VAL B 51 -6.08 -5.36 -10.15
CA VAL B 51 -7.40 -5.80 -9.74
C VAL B 51 -7.52 -7.30 -10.00
N VAL B 52 -7.82 -8.06 -8.94
CA VAL B 52 -8.07 -9.49 -9.04
C VAL B 52 -9.56 -9.75 -8.78
N MET B 53 -10.15 -10.61 -9.61
CA MET B 53 -11.56 -10.94 -9.52
C MET B 53 -11.72 -12.40 -9.10
N LYS B 54 -12.66 -12.65 -8.17
CA LYS B 54 -13.07 -14.00 -7.83
C LYS B 54 -14.58 -14.09 -8.07
N SER B 55 -14.96 -14.90 -9.07
CA SER B 55 -16.29 -14.89 -9.65
C SER B 55 -16.90 -16.29 -9.56
N TYR B 56 -18.12 -16.36 -9.00
CA TYR B 56 -18.92 -17.58 -9.00
C TYR B 56 -20.29 -17.25 -9.61
N LEU B 57 -20.32 -17.23 -10.95
CA LEU B 57 -21.47 -16.75 -11.71
C LEU B 57 -21.96 -17.85 -12.65
N SER B 58 -23.28 -17.88 -12.84
CA SER B 58 -23.94 -18.97 -13.54
C SER B 58 -23.93 -18.69 -15.04
N GLY B 59 -23.33 -19.63 -15.79
CA GLY B 59 -23.54 -19.73 -17.22
C GLY B 59 -22.32 -19.24 -18.01
N MET B 60 -22.55 -18.21 -18.85
CA MET B 60 -21.50 -17.40 -19.48
C MET B 60 -21.97 -15.95 -19.48
N PRO B 61 -21.65 -15.13 -18.45
CA PRO B 61 -22.16 -13.76 -18.38
C PRO B 61 -21.28 -12.64 -18.93
N GLU B 62 -21.94 -11.55 -19.35
CA GLU B 62 -21.28 -10.39 -19.93
C GLU B 62 -21.14 -9.33 -18.84
N CYS B 63 -19.92 -9.12 -18.35
CA CYS B 63 -19.67 -8.22 -17.23
C CYS B 63 -19.09 -6.89 -17.71
N LYS B 64 -19.42 -5.81 -16.99
CA LYS B 64 -18.93 -4.47 -17.28
C LYS B 64 -18.38 -3.79 -16.02
N PHE B 65 -17.05 -3.68 -15.93
CA PHE B 65 -16.35 -3.09 -14.79
C PHE B 65 -16.20 -1.57 -14.93
N GLY B 66 -16.49 -0.84 -13.84
CA GLY B 66 -16.48 0.61 -13.88
C GLY B 66 -15.91 1.20 -12.57
N MET B 67 -14.86 2.02 -12.72
CA MET B 67 -14.17 2.69 -11.61
C MET B 67 -14.08 4.19 -11.90
N ASN B 68 -13.49 4.96 -10.99
CA ASN B 68 -13.50 6.42 -11.06
C ASN B 68 -12.38 6.92 -11.97
N ASP B 69 -12.40 6.43 -13.21
CA ASP B 69 -11.38 6.73 -14.20
C ASP B 69 -11.72 8.08 -14.83
N LYS B 70 -10.69 8.78 -15.32
CA LYS B 70 -10.81 10.13 -15.87
C LYS B 70 -11.46 11.06 -14.82
N SER B 91 -12.46 11.24 -8.97
CA SER B 91 -11.86 10.86 -10.28
C SER B 91 -10.33 10.92 -10.23
N ILE B 92 -9.67 9.85 -10.73
CA ILE B 92 -8.22 9.72 -10.74
C ILE B 92 -7.72 9.49 -12.16
N ALA B 93 -6.38 9.43 -12.30
CA ALA B 93 -5.70 9.46 -13.58
C ALA B 93 -4.76 8.27 -13.73
N ILE B 94 -5.00 7.42 -14.73
CA ILE B 94 -4.25 6.20 -14.90
C ILE B 94 -3.26 6.35 -16.05
N ASP B 95 -1.96 6.33 -15.72
CA ASP B 95 -0.91 6.54 -16.69
C ASP B 95 -0.90 5.43 -17.74
N ASP B 96 -1.02 4.17 -17.33
CA ASP B 96 -1.07 3.10 -18.32
C ASP B 96 -1.48 1.81 -17.64
N CYS B 97 -2.03 0.88 -18.44
CA CYS B 97 -2.59 -0.35 -17.90
C CYS B 97 -2.84 -1.39 -19.00
N THR B 98 -2.28 -2.58 -18.80
CA THR B 98 -2.60 -3.77 -19.57
C THR B 98 -3.80 -4.52 -18.95
N PHE B 99 -4.38 -5.45 -19.73
CA PHE B 99 -5.56 -6.19 -19.34
C PHE B 99 -5.35 -7.70 -19.54
N HIS B 100 -6.40 -8.49 -19.25
CA HIS B 100 -6.41 -9.93 -19.44
C HIS B 100 -7.06 -10.23 -20.80
N GLN B 101 -6.65 -11.36 -21.40
CA GLN B 101 -7.15 -11.82 -22.70
C GLN B 101 -8.62 -11.48 -22.90
N CYS B 102 -9.45 -11.80 -21.89
CA CYS B 102 -10.90 -11.79 -22.04
C CYS B 102 -11.46 -10.38 -22.22
N VAL B 103 -10.60 -9.37 -22.31
CA VAL B 103 -11.06 -8.01 -22.21
C VAL B 103 -11.18 -7.43 -23.63
N ARG B 104 -12.37 -6.87 -23.89
CA ARG B 104 -12.70 -6.28 -25.19
C ARG B 104 -12.46 -4.78 -25.11
N LEU B 105 -11.68 -4.27 -26.08
CA LEU B 105 -11.00 -2.98 -26.00
C LEU B 105 -11.65 -2.01 -26.98
N SER B 106 -11.96 -0.80 -26.50
CA SER B 106 -12.47 0.27 -27.34
C SER B 106 -11.32 1.21 -27.72
N ARG B 112 -15.41 4.60 -23.53
CA ARG B 112 -14.61 3.39 -23.87
C ARG B 112 -14.22 2.67 -22.56
N SER B 113 -15.22 1.98 -21.98
CA SER B 113 -15.17 1.29 -20.69
C SER B 113 -14.91 -0.21 -20.88
N ILE B 114 -14.70 -0.98 -19.78
CA ILE B 114 -14.10 -2.32 -19.84
C ILE B 114 -15.20 -3.37 -19.89
N SER B 115 -15.08 -4.34 -20.83
CA SER B 115 -16.07 -5.38 -21.03
C SER B 115 -15.43 -6.75 -21.25
N PHE B 116 -16.06 -7.80 -20.70
CA PHE B 116 -15.50 -9.15 -20.71
C PHE B 116 -16.52 -10.20 -20.24
N ILE B 117 -16.23 -11.45 -20.63
CA ILE B 117 -16.80 -12.65 -20.04
C ILE B 117 -15.72 -13.28 -19.17
N PRO B 118 -15.86 -13.23 -17.83
CA PRO B 118 -14.79 -13.67 -16.94
C PRO B 118 -14.50 -15.16 -17.00
N PRO B 119 -13.23 -15.62 -16.82
CA PRO B 119 -12.96 -17.01 -16.50
C PRO B 119 -13.50 -17.25 -15.09
N ASP B 120 -13.86 -18.50 -14.82
CA ASP B 120 -14.50 -18.85 -13.57
C ASP B 120 -13.43 -18.96 -12.48
N GLY B 121 -13.81 -18.62 -11.23
CA GLY B 121 -12.87 -18.55 -10.13
C GLY B 121 -12.08 -17.23 -10.17
N GLU B 122 -10.77 -17.36 -9.89
CA GLU B 122 -9.90 -16.24 -9.58
C GLU B 122 -9.06 -15.90 -10.81
N PHE B 123 -8.80 -14.62 -11.07
CA PHE B 123 -7.94 -14.23 -12.17
C PHE B 123 -7.59 -12.75 -12.04
N GLU B 124 -6.45 -12.37 -12.64
CA GLU B 124 -6.02 -10.99 -12.71
C GLU B 124 -6.70 -10.32 -13.90
N LEU B 125 -7.59 -9.36 -13.59
CA LEU B 125 -8.37 -8.62 -14.59
C LEU B 125 -7.51 -7.54 -15.25
N MET B 126 -6.94 -6.62 -14.47
CA MET B 126 -6.07 -5.59 -15.03
C MET B 126 -4.89 -5.28 -14.11
N ARG B 127 -3.93 -4.53 -14.66
CA ARG B 127 -2.73 -4.08 -13.98
C ARG B 127 -2.50 -2.61 -14.35
N TYR B 128 -1.96 -1.74 -13.45
CA TYR B 128 -1.90 -0.31 -13.73
C TYR B 128 -0.82 0.42 -12.93
N ARG B 129 -0.52 1.66 -13.36
CA ARG B 129 0.48 2.53 -12.73
C ARG B 129 -0.08 3.95 -12.57
N THR B 130 0.39 4.67 -11.54
CA THR B 130 -0.14 5.98 -11.16
C THR B 130 0.99 6.85 -10.61
N THR B 131 0.86 8.17 -10.73
CA THR B 131 1.90 9.13 -10.33
C THR B 131 1.28 10.38 -9.73
N LYS B 132 0.11 10.80 -10.24
CA LYS B 132 -0.48 12.09 -9.93
C LYS B 132 -1.49 11.96 -8.79
N ASP B 133 -1.42 12.84 -7.79
CA ASP B 133 -2.45 13.03 -6.79
C ASP B 133 -2.52 11.84 -5.82
N ILE B 134 -1.35 11.27 -5.49
CA ILE B 134 -1.26 10.06 -4.66
C ILE B 134 -1.48 10.42 -3.19
N ILE B 135 -2.26 9.63 -2.48
CA ILE B 135 -2.29 9.75 -1.03
C ILE B 135 -1.05 9.06 -0.47
N LEU B 136 -0.29 9.79 0.36
CA LEU B 136 0.87 9.26 1.04
C LEU B 136 0.52 8.95 2.49
N PRO B 137 0.24 7.66 2.85
CA PRO B 137 -0.35 7.33 4.15
C PRO B 137 0.44 7.82 5.35
N PHE B 138 1.78 7.92 5.22
CA PHE B 138 2.58 8.35 6.36
C PHE B 138 3.59 9.41 5.93
N ARG B 139 3.87 10.31 6.88
CA ARG B 139 4.88 11.35 6.77
C ARG B 139 5.85 11.13 7.92
N VAL B 140 7.16 11.20 7.62
CA VAL B 140 8.24 10.90 8.54
C VAL B 140 9.10 12.15 8.75
N ILE B 141 9.29 12.56 10.01
CA ILE B 141 10.03 13.78 10.29
C ILE B 141 11.24 13.47 11.17
N PRO B 142 12.45 13.38 10.57
CA PRO B 142 13.67 13.08 11.31
C PRO B 142 14.36 14.29 11.92
N LEU B 143 14.95 14.10 13.11
CA LEU B 143 15.84 15.08 13.71
C LEU B 143 17.09 14.39 14.24
N VAL B 144 18.26 14.97 13.96
CA VAL B 144 19.54 14.41 14.36
C VAL B 144 20.47 15.51 14.88
N ARG B 145 21.19 15.21 15.99
CA ARG B 145 22.15 16.12 16.60
C ARG B 145 23.37 15.34 17.04
N GLU B 146 24.55 15.92 16.78
CA GLU B 146 25.83 15.35 17.19
C GLU B 146 26.19 15.94 18.53
N VAL B 147 26.82 15.13 19.38
CA VAL B 147 27.12 15.52 20.75
C VAL B 147 28.58 15.16 20.99
N GLY B 148 29.45 16.10 20.64
CA GLY B 148 30.87 15.83 20.59
C GLY B 148 31.14 14.71 19.58
N ARG B 149 32.07 13.83 19.93
CA ARG B 149 32.48 12.76 19.04
C ARG B 149 31.97 11.43 19.59
N THR B 150 30.99 11.49 20.52
CA THR B 150 30.72 10.39 21.42
C THR B 150 29.25 9.92 21.39
N LYS B 151 28.28 10.83 21.13
CA LYS B 151 26.87 10.47 21.06
C LYS B 151 26.18 11.05 19.82
N LEU B 152 25.18 10.31 19.32
CA LEU B 152 24.21 10.82 18.35
C LEU B 152 22.82 10.89 19.01
N GLU B 153 22.12 12.00 18.83
CA GLU B 153 20.76 12.19 19.33
C GLU B 153 19.76 12.16 18.18
N VAL B 154 18.82 11.21 18.23
CA VAL B 154 17.92 10.99 17.11
C VAL B 154 16.49 10.96 17.62
N LYS B 155 15.64 11.74 16.93
CA LYS B 155 14.21 11.73 17.18
C LYS B 155 13.48 11.66 15.85
N VAL B 156 12.60 10.65 15.72
CA VAL B 156 11.79 10.49 14.53
C VAL B 156 10.31 10.58 14.91
N VAL B 157 9.51 11.32 14.12
CA VAL B 157 8.06 11.41 14.28
C VAL B 157 7.37 10.85 13.02
N ILE B 158 6.31 10.08 13.22
CA ILE B 158 5.48 9.59 12.13
C ILE B 158 4.10 10.21 12.27
N LYS B 159 3.49 10.58 11.14
CA LYS B 159 2.15 11.15 11.11
C LYS B 159 1.27 10.37 10.13
N SER B 160 0.14 9.86 10.60
CA SER B 160 -0.80 9.15 9.74
C SER B 160 -1.72 10.14 9.04
N ASN B 161 -1.93 9.91 7.74
CA ASN B 161 -2.65 10.86 6.92
C ASN B 161 -3.78 10.17 6.15
N PHE B 162 -4.90 9.94 6.85
CA PHE B 162 -6.05 9.25 6.29
C PHE B 162 -7.20 9.25 7.32
N LYS B 163 -8.41 8.95 6.86
CA LYS B 163 -9.60 9.00 7.70
C LYS B 163 -9.35 8.33 9.06
N PRO B 164 -9.80 8.92 10.20
CA PRO B 164 -9.69 8.24 11.52
C PRO B 164 -10.53 6.98 11.70
N SER B 165 -11.48 6.76 10.79
CA SER B 165 -12.28 5.55 10.76
C SER B 165 -11.36 4.34 10.55
N LEU B 166 -10.17 4.58 9.95
CA LEU B 166 -9.37 3.54 9.32
C LEU B 166 -8.06 3.29 10.09
N LEU B 167 -7.66 2.01 10.09
CA LEU B 167 -6.46 1.53 10.78
C LEU B 167 -5.40 1.03 9.81
N ALA B 168 -4.22 1.65 9.89
CA ALA B 168 -3.00 1.06 9.36
C ALA B 168 -2.56 -0.04 10.29
N GLN B 169 -1.94 -1.08 9.72
CA GLN B 169 -1.33 -2.09 10.56
C GLN B 169 -0.07 -2.65 9.94
N LYS B 170 0.70 -3.33 10.81
CA LYS B 170 1.99 -3.93 10.51
C LYS B 170 2.99 -2.82 10.18
N ILE B 171 3.13 -1.84 11.08
CA ILE B 171 3.96 -0.68 10.83
C ILE B 171 5.38 -0.97 11.34
N GLU B 172 6.37 -0.67 10.49
CA GLU B 172 7.78 -0.74 10.84
C GLU B 172 8.47 0.55 10.43
N VAL B 173 9.29 1.10 11.34
CA VAL B 173 10.14 2.22 11.00
C VAL B 173 11.56 1.74 11.23
N ARG B 174 12.38 1.91 10.21
CA ARG B 174 13.75 1.42 10.21
C ARG B 174 14.66 2.64 10.24
N ILE B 175 15.46 2.78 11.32
CA ILE B 175 16.40 3.88 11.47
C ILE B 175 17.83 3.34 11.45
N PRO B 176 18.69 3.77 10.50
CA PRO B 176 20.05 3.24 10.40
C PRO B 176 21.00 3.82 11.45
N THR B 177 22.02 3.04 11.82
CA THR B 177 23.05 3.45 12.78
C THR B 177 24.41 3.32 12.13
N PRO B 178 25.42 4.16 12.50
CA PRO B 178 26.79 4.04 12.02
C PRO B 178 27.44 2.71 12.41
N LEU B 179 28.66 2.48 11.88
CA LEU B 179 29.33 1.20 12.03
C LEU B 179 30.15 1.21 13.32
N ASN B 180 30.64 2.40 13.72
CA ASN B 180 31.28 2.60 15.02
C ASN B 180 30.26 2.69 16.17
N THR B 181 29.19 1.90 16.15
CA THR B 181 28.14 2.04 17.15
C THR B 181 28.45 1.09 18.30
N SER B 182 28.57 1.66 19.51
CA SER B 182 28.87 0.89 20.70
C SER B 182 27.59 0.37 21.37
N GLY B 183 26.57 1.21 21.47
CA GLY B 183 25.29 0.87 22.10
C GLY B 183 24.21 1.87 21.69
N VAL B 184 22.94 1.53 21.97
CA VAL B 184 21.82 2.39 21.61
C VAL B 184 20.74 2.38 22.71
N GLN B 185 20.32 3.57 23.14
CA GLN B 185 19.16 3.71 24.02
C GLN B 185 17.99 4.25 23.22
N VAL B 186 16.81 3.61 23.36
CA VAL B 186 15.57 4.14 22.82
C VAL B 186 14.54 4.30 23.93
N ILE B 187 13.65 5.28 23.76
CA ILE B 187 12.37 5.35 24.45
C ILE B 187 11.30 5.49 23.38
N CYS B 188 10.24 4.67 23.48
CA CYS B 188 9.06 4.91 22.67
C CYS B 188 7.77 4.57 23.43
N MET B 189 6.82 5.52 23.44
CA MET B 189 5.60 5.40 24.22
C MET B 189 4.62 4.42 23.57
N LYS B 190 4.56 4.43 22.23
CA LYS B 190 3.82 3.42 21.47
C LYS B 190 4.78 2.43 20.80
N GLY B 191 4.40 1.15 20.80
CA GLY B 191 5.09 0.11 20.04
C GLY B 191 6.26 -0.48 20.82
N LYS B 192 7.09 -1.27 20.13
CA LYS B 192 8.32 -1.83 20.68
C LYS B 192 9.44 -1.56 19.68
N ALA B 193 10.66 -1.36 20.17
CA ALA B 193 11.82 -1.12 19.32
C ALA B 193 13.06 -1.78 19.89
N LYS B 194 13.86 -2.44 19.04
CA LYS B 194 15.15 -2.99 19.43
C LYS B 194 16.22 -2.64 18.40
N TYR B 195 17.47 -2.48 18.87
CA TYR B 195 18.64 -2.26 18.03
C TYR B 195 19.11 -3.59 17.47
N LYS B 196 19.29 -3.66 16.16
CA LYS B 196 19.74 -4.87 15.50
C LYS B 196 21.17 -4.66 15.01
N ALA B 197 22.15 -5.05 15.84
CA ALA B 197 23.54 -4.70 15.58
C ALA B 197 24.03 -5.33 14.27
N SER B 198 23.61 -6.58 14.02
CA SER B 198 23.87 -7.30 12.79
C SER B 198 23.48 -6.47 11.56
N GLU B 199 22.31 -5.81 11.60
CA GLU B 199 21.75 -5.12 10.45
C GLU B 199 22.07 -3.62 10.47
N ASN B 200 22.64 -3.13 11.58
CA ASN B 200 23.06 -1.75 11.70
C ASN B 200 21.86 -0.81 11.59
N ALA B 201 20.81 -1.07 12.39
CA ALA B 201 19.54 -0.35 12.32
C ALA B 201 18.71 -0.53 13.57
N ILE B 202 18.04 0.54 14.00
CA ILE B 202 16.99 0.45 15.00
C ILE B 202 15.67 0.13 14.29
N VAL B 203 14.97 -0.88 14.81
CA VAL B 203 13.72 -1.27 14.19
C VAL B 203 12.57 -1.07 15.17
N TRP B 204 11.67 -0.16 14.79
CA TRP B 204 10.49 0.20 15.56
C TRP B 204 9.27 -0.43 14.90
N LYS B 205 8.48 -1.15 15.71
CA LYS B 205 7.31 -1.88 15.24
C LYS B 205 6.05 -1.48 16.03
N ILE B 206 4.93 -1.34 15.29
CA ILE B 206 3.65 -0.90 15.81
C ILE B 206 2.53 -1.75 15.22
N LYS B 207 1.66 -2.31 16.08
CA LYS B 207 0.66 -3.27 15.62
C LYS B 207 -0.43 -2.55 14.81
N ARG B 208 -0.99 -1.45 15.35
CA ARG B 208 -2.02 -0.69 14.64
C ARG B 208 -1.90 0.81 14.97
N MET B 209 -2.26 1.67 13.98
CA MET B 209 -2.32 3.12 14.19
C MET B 209 -3.42 3.70 13.30
N ALA B 210 -4.23 4.61 13.89
CA ALA B 210 -5.38 5.20 13.23
C ALA B 210 -5.02 6.49 12.49
N GLY B 211 -5.93 6.92 11.62
CA GLY B 211 -5.69 8.06 10.75
C GLY B 211 -5.66 9.38 11.50
N MET B 212 -4.92 10.35 10.95
CA MET B 212 -4.72 11.66 11.55
C MET B 212 -4.24 11.47 12.99
N LYS B 213 -2.98 11.06 13.16
CA LYS B 213 -2.36 10.81 14.47
C LYS B 213 -0.85 11.00 14.41
N GLU B 214 -0.20 11.00 15.58
CA GLU B 214 1.22 11.30 15.71
C GLU B 214 1.89 10.37 16.73
N SER B 215 3.08 9.87 16.36
CA SER B 215 3.90 9.10 17.26
C SER B 215 5.37 9.47 17.02
N GLN B 216 6.18 9.26 18.06
CA GLN B 216 7.59 9.62 18.00
C GLN B 216 8.42 8.63 18.80
N ILE B 217 9.67 8.46 18.35
CA ILE B 217 10.67 7.65 19.01
C ILE B 217 11.86 8.55 19.29
N SER B 218 12.49 8.35 20.45
CA SER B 218 13.76 9.00 20.79
C SER B 218 14.85 7.94 20.88
N ALA B 219 16.05 8.23 20.37
CA ALA B 219 17.15 7.29 20.50
C ALA B 219 18.42 8.08 20.77
N GLU B 220 19.31 7.48 21.57
CA GLU B 220 20.64 8.01 21.81
C GLU B 220 21.65 6.93 21.43
N ILE B 221 22.55 7.27 20.49
CA ILE B 221 23.47 6.30 19.91
C ILE B 221 24.89 6.58 20.40
N GLU B 222 25.47 5.56 21.06
CA GLU B 222 26.80 5.67 21.65
C GLU B 222 27.85 5.24 20.63
N LEU B 223 28.91 6.07 20.50
CA LEU B 223 29.90 5.93 19.44
C LEU B 223 31.26 5.53 19.98
N LEU B 224 31.87 4.51 19.34
CA LEU B 224 33.30 4.24 19.46
C LEU B 224 34.04 5.31 18.65
N PRO B 225 35.33 5.57 18.98
CA PRO B 225 36.15 6.49 18.18
C PRO B 225 36.64 5.84 16.88
N THR B 226 36.94 6.68 15.89
CA THR B 226 37.05 6.20 14.52
C THR B 226 37.96 7.12 13.71
N ASN B 227 38.17 6.75 12.44
CA ASN B 227 39.32 7.16 11.64
C ASN B 227 39.31 8.65 11.30
N ASP B 228 38.47 9.42 12.00
CA ASP B 228 38.62 10.86 12.14
C ASP B 228 37.90 11.55 10.98
N LYS B 229 38.26 11.16 9.74
CA LYS B 229 37.73 11.76 8.53
C LYS B 229 36.81 10.76 7.85
N LYS B 230 36.02 10.05 8.67
CA LYS B 230 34.83 9.33 8.21
C LYS B 230 33.61 10.20 8.49
N LYS B 231 32.97 10.74 7.44
CA LYS B 231 31.63 11.29 7.58
C LYS B 231 30.66 10.11 7.50
N TRP B 232 29.52 10.22 8.19
CA TRP B 232 28.46 9.24 8.06
C TRP B 232 27.59 9.62 6.86
N ALA B 233 27.50 8.70 5.87
CA ALA B 233 26.52 8.84 4.82
C ALA B 233 25.14 8.43 5.36
N ARG B 234 24.42 9.39 5.95
CA ARG B 234 23.16 9.13 6.63
C ARG B 234 22.16 8.54 5.65
N PRO B 235 22.00 7.19 5.56
CA PRO B 235 21.03 6.61 4.64
C PRO B 235 19.61 6.96 5.07
N PRO B 236 18.57 6.70 4.25
CA PRO B 236 17.23 7.17 4.57
C PRO B 236 16.62 6.28 5.64
N ILE B 237 15.68 6.86 6.38
CA ILE B 237 14.78 6.15 7.25
C ILE B 237 13.71 5.55 6.34
N SER B 238 13.41 4.26 6.53
CA SER B 238 12.41 3.63 5.66
C SER B 238 11.29 3.05 6.52
N MET B 239 10.11 2.91 5.90
CA MET B 239 8.92 2.46 6.60
C MET B 239 8.31 1.27 5.87
N ASN B 240 7.60 0.40 6.60
CA ASN B 240 6.68 -0.54 6.00
C ASN B 240 5.34 -0.43 6.73
N PHE B 241 4.27 -0.67 5.98
CA PHE B 241 2.92 -0.57 6.53
C PHE B 241 1.95 -1.20 5.53
N GLU B 242 0.75 -1.52 6.06
CA GLU B 242 -0.39 -1.89 5.25
C GLU B 242 -1.60 -1.03 5.63
N VAL B 243 -2.38 -0.60 4.61
CA VAL B 243 -3.55 0.25 4.83
C VAL B 243 -4.72 -0.25 3.99
N PRO B 244 -5.96 -0.17 4.51
CA PRO B 244 -7.15 -0.65 3.81
C PRO B 244 -7.78 0.31 2.80
N PHE B 245 -6.97 0.93 1.94
CA PHE B 245 -7.52 1.72 0.86
C PHE B 245 -6.47 1.85 -0.23
N ALA B 246 -6.90 2.31 -1.41
CA ALA B 246 -6.00 2.49 -2.54
C ALA B 246 -5.33 3.86 -2.48
N PRO B 247 -4.02 3.93 -2.18
CA PRO B 247 -3.29 5.19 -2.26
C PRO B 247 -3.44 5.97 -3.56
N SER B 248 -3.74 5.27 -4.67
CA SER B 248 -3.92 5.88 -5.98
C SER B 248 -5.11 6.81 -6.00
N GLY B 249 -6.09 6.52 -5.13
CA GLY B 249 -7.36 7.24 -5.09
C GLY B 249 -8.47 6.42 -5.74
N LEU B 250 -8.09 5.27 -6.33
CA LEU B 250 -8.98 4.50 -7.19
C LEU B 250 -10.12 3.93 -6.35
N LYS B 251 -11.30 3.81 -6.97
CA LYS B 251 -12.49 3.41 -6.26
C LYS B 251 -13.42 2.69 -7.22
N VAL B 252 -14.00 1.57 -6.78
CA VAL B 252 -14.81 0.74 -7.66
C VAL B 252 -16.22 1.32 -7.65
N ARG B 253 -16.83 1.41 -8.84
CA ARG B 253 -18.10 2.12 -8.98
C ARG B 253 -19.23 1.15 -9.31
N TYR B 254 -19.02 0.25 -10.27
CA TYR B 254 -20.05 -0.72 -10.59
C TYR B 254 -19.37 -1.97 -11.17
N LEU B 255 -19.99 -3.14 -10.98
CA LEU B 255 -19.63 -4.30 -11.79
C LEU B 255 -20.91 -5.00 -12.19
N LYS B 256 -21.28 -4.82 -13.48
CA LYS B 256 -22.61 -5.16 -13.97
C LYS B 256 -22.53 -6.49 -14.68
N VAL B 257 -23.46 -7.39 -14.31
CA VAL B 257 -23.53 -8.73 -14.86
C VAL B 257 -24.88 -8.96 -15.52
N PHE B 258 -24.80 -9.42 -16.79
CA PHE B 258 -25.94 -9.74 -17.64
C PHE B 258 -25.67 -11.11 -18.25
N GLU B 259 -26.62 -12.04 -18.09
CA GLU B 259 -26.54 -13.35 -18.73
C GLU B 259 -27.92 -13.66 -19.32
N PRO B 260 -28.01 -13.70 -20.66
CA PRO B 260 -29.29 -13.49 -21.35
C PRO B 260 -30.19 -14.73 -21.37
N LYS B 261 -29.56 -15.91 -21.53
CA LYS B 261 -30.22 -17.20 -21.47
C LYS B 261 -30.83 -17.45 -20.09
N LEU B 262 -30.00 -17.47 -19.04
CA LEU B 262 -30.40 -17.88 -17.70
C LEU B 262 -31.17 -16.77 -16.97
N ASN B 263 -31.95 -17.24 -15.98
CA ASN B 263 -33.09 -16.51 -15.43
C ASN B 263 -32.72 -15.87 -14.09
N TYR B 264 -31.45 -15.43 -14.00
CA TYR B 264 -31.02 -14.46 -13.00
C TYR B 264 -30.69 -13.14 -13.68
N SER B 265 -30.75 -12.09 -12.86
CA SER B 265 -30.50 -10.73 -13.30
C SER B 265 -29.30 -10.19 -12.52
N ASP B 266 -29.18 -8.86 -12.49
CA ASP B 266 -28.02 -8.22 -11.92
C ASP B 266 -28.22 -8.08 -10.41
N HIS B 267 -29.40 -7.58 -10.02
CA HIS B 267 -29.81 -7.41 -8.63
C HIS B 267 -29.60 -8.69 -7.80
N ASP B 268 -29.45 -9.83 -8.48
CA ASP B 268 -29.41 -11.14 -7.83
C ASP B 268 -27.98 -11.54 -7.47
N VAL B 269 -26.99 -10.78 -7.96
CA VAL B 269 -25.60 -11.12 -7.71
C VAL B 269 -25.14 -10.39 -6.45
N ILE B 270 -24.37 -11.09 -5.61
CA ILE B 270 -23.80 -10.52 -4.40
C ILE B 270 -22.37 -10.08 -4.71
N LYS B 271 -22.07 -8.80 -4.43
CA LYS B 271 -20.80 -8.21 -4.87
C LYS B 271 -20.00 -7.59 -3.71
N TRP B 272 -18.67 -7.75 -3.72
CA TRP B 272 -17.82 -7.22 -2.66
C TRP B 272 -16.55 -6.58 -3.20
N VAL B 273 -16.09 -5.50 -2.57
CA VAL B 273 -14.75 -5.00 -2.83
C VAL B 273 -13.93 -5.07 -1.53
N ARG B 274 -12.61 -5.17 -1.69
CA ARG B 274 -11.69 -4.80 -0.62
C ARG B 274 -10.48 -4.12 -1.23
N TYR B 275 -9.85 -3.24 -0.44
CA TYR B 275 -8.69 -2.50 -0.87
C TYR B 275 -7.52 -2.87 0.05
N ILE B 276 -6.37 -3.22 -0.52
CA ILE B 276 -5.18 -3.51 0.26
C ILE B 276 -4.00 -2.76 -0.33
N GLY B 277 -3.53 -1.76 0.43
CA GLY B 277 -2.45 -0.88 0.01
C GLY B 277 -1.24 -1.15 0.89
N ARG B 278 -0.07 -1.28 0.26
CA ARG B 278 1.13 -1.67 0.98
C ARG B 278 2.30 -0.84 0.47
N SER B 279 3.29 -0.67 1.35
CA SER B 279 4.51 0.03 0.98
C SER B 279 5.33 -0.81 0.02
N GLY B 280 5.99 -0.16 -0.94
CA GLY B 280 7.18 -0.69 -1.56
C GLY B 280 8.43 -0.04 -0.97
N ILE B 281 9.18 0.65 -1.83
CA ILE B 281 10.20 1.59 -1.41
C ILE B 281 9.52 2.82 -0.85
N TYR B 282 9.67 3.08 0.46
CA TYR B 282 9.11 4.26 1.12
C TYR B 282 10.18 4.88 2.02
N GLU B 283 11.04 5.71 1.41
CA GLU B 283 12.25 6.22 2.06
C GLU B 283 12.15 7.73 2.27
N THR B 284 12.50 8.16 3.49
CA THR B 284 12.62 9.59 3.78
C THR B 284 14.08 9.90 4.14
N ARG B 285 14.68 10.90 3.50
CA ARG B 285 16.11 11.15 3.68
C ARG B 285 16.35 11.98 4.92
N CYS B 286 17.17 11.46 5.87
CA CYS B 286 17.36 12.11 7.16
C CYS B 286 18.58 13.03 7.10
#